data_1PZX
#
_entry.id   1PZX
#
_cell.length_a   65.980
_cell.length_b   187.390
_cell.length_c   53.290
_cell.angle_alpha   90.00
_cell.angle_beta   90.00
_cell.angle_gamma   90.00
#
_symmetry.space_group_name_H-M   'P 21 21 2'
#
loop_
_entity.id
_entity.type
_entity.pdbx_description
1 polymer 'Hypothetical protein APC36103'
2 non-polymer 'PALMITIC ACID'
3 water water
#
_entity_poly.entity_id   1
_entity_poly.type   'polypeptide(L)'
_entity_poly.pdbx_seq_one_letter_code
;NAMPIEIITDSGADLPQSYIREHRIAFLPLVVHWNGQDYKDGITIEPKQVYDAMRQGHTVKTAQPSPLAMKELFLPYAKE
NRPCLYIAFSSKLSGTYQTAMAVRSELLDEYPEFRLTIIDSKCASLGQGLAVMKAVELAKQNTPYNLLCETIESYCRHME
HIFTVDNLDYLARGGRISKTAAAFGGLLNIKPLLHVEDGALIPLEKWRGRKKVLKRMVELMGERGDDLQKQTIGISHADD
EETALELKQMIEETHGCTRFFLSDIGSAIGAHAGPGTIALFFLNKYIEI
;
_entity_poly.pdbx_strand_id   A,B
#
# COMPACT_ATOMS: atom_id res chain seq x y z
N MET A 3 -27.79 24.41 -6.99
CA MET A 3 -26.38 24.57 -7.50
C MET A 3 -26.14 23.67 -8.71
N PRO A 4 -25.23 24.09 -9.61
CA PRO A 4 -24.90 23.32 -10.83
C PRO A 4 -24.19 22.04 -10.44
N ILE A 5 -24.27 21.05 -11.32
CA ILE A 5 -23.62 19.78 -11.07
C ILE A 5 -22.12 20.01 -11.20
N GLU A 6 -21.36 19.49 -10.24
CA GLU A 6 -19.90 19.60 -10.27
C GLU A 6 -19.33 18.29 -10.81
N ILE A 7 -18.45 18.38 -11.81
CA ILE A 7 -17.84 17.20 -12.38
C ILE A 7 -16.47 16.98 -11.76
N ILE A 8 -16.21 15.73 -11.35
CA ILE A 8 -14.95 15.34 -10.72
C ILE A 8 -14.34 14.18 -11.47
N THR A 9 -13.02 14.13 -11.52
CA THR A 9 -12.30 13.05 -12.19
C THR A 9 -10.92 12.89 -11.58
N ASP A 10 -10.17 11.90 -12.04
CA ASP A 10 -8.83 11.66 -11.53
C ASP A 10 -7.81 11.74 -12.67
N SER A 11 -6.53 11.62 -12.33
CA SER A 11 -5.48 11.71 -13.34
C SER A 11 -5.41 10.54 -14.33
N GLY A 12 -6.33 9.60 -14.20
CA GLY A 12 -6.35 8.48 -15.12
C GLY A 12 -7.01 8.92 -16.43
N ALA A 13 -7.66 10.09 -16.38
CA ALA A 13 -8.36 10.65 -17.55
C ALA A 13 -7.46 11.28 -18.62
N ASP A 14 -6.20 11.55 -18.25
CA ASP A 14 -5.22 12.16 -19.14
C ASP A 14 -5.66 13.46 -19.82
N LEU A 15 -6.48 14.24 -19.11
CA LEU A 15 -6.90 15.52 -19.66
C LEU A 15 -5.85 16.53 -19.22
N PRO A 16 -5.51 17.48 -20.11
CA PRO A 16 -4.50 18.48 -19.75
C PRO A 16 -4.99 19.38 -18.62
N GLN A 17 -4.10 19.74 -17.69
CA GLN A 17 -4.47 20.60 -16.56
C GLN A 17 -5.12 21.90 -17.03
N SER A 18 -4.81 22.31 -18.25
CA SER A 18 -5.39 23.53 -18.79
C SER A 18 -6.90 23.34 -18.89
N TYR A 19 -7.30 22.15 -19.30
CA TYR A 19 -8.71 21.81 -19.44
C TYR A 19 -9.36 21.66 -18.06
N ILE A 20 -8.73 20.88 -17.20
CA ILE A 20 -9.25 20.65 -15.86
C ILE A 20 -9.59 22.00 -15.22
N ARG A 21 -8.59 22.87 -15.17
CA ARG A 21 -8.77 24.18 -14.55
C ARG A 21 -9.80 25.05 -15.24
N GLU A 22 -9.75 25.08 -16.56
CA GLU A 22 -10.69 25.90 -17.32
C GLU A 22 -12.14 25.55 -17.00
N HIS A 23 -12.45 24.26 -17.01
CA HIS A 23 -13.82 23.82 -16.75
C HIS A 23 -14.09 23.49 -15.29
N ARG A 24 -13.19 23.96 -14.43
CA ARG A 24 -13.33 23.77 -12.99
C ARG A 24 -13.70 22.34 -12.62
N ILE A 25 -12.86 21.41 -13.03
CA ILE A 25 -13.08 20.00 -12.75
C ILE A 25 -12.28 19.59 -11.51
N ALA A 26 -12.97 19.16 -10.45
CA ALA A 26 -12.27 18.72 -9.25
C ALA A 26 -11.31 17.64 -9.72
N PHE A 27 -10.06 17.72 -9.29
CA PHE A 27 -9.04 16.77 -9.74
C PHE A 27 -8.43 15.90 -8.63
N LEU A 28 -8.53 14.59 -8.80
CA LEU A 28 -7.96 13.64 -7.85
C LEU A 28 -6.72 13.04 -8.49
N PRO A 29 -5.52 13.48 -8.06
CA PRO A 29 -4.29 12.93 -8.65
C PRO A 29 -3.94 11.52 -8.19
N LEU A 30 -3.55 10.67 -9.12
CA LEU A 30 -3.14 9.33 -8.77
C LEU A 30 -1.70 9.53 -8.30
N VAL A 31 -1.20 8.63 -7.46
CA VAL A 31 0.17 8.77 -6.95
C VAL A 31 1.23 8.02 -7.76
N VAL A 32 2.36 8.69 -7.98
CA VAL A 32 3.50 8.09 -8.68
C VAL A 32 4.66 8.11 -7.69
N HIS A 33 5.42 7.02 -7.57
CA HIS A 33 6.52 7.04 -6.62
C HIS A 33 7.62 6.04 -6.95
N TRP A 34 8.79 6.29 -6.38
CA TRP A 34 9.95 5.43 -6.53
C TRP A 34 11.15 6.01 -5.79
N ASN A 35 11.99 5.11 -5.24
CA ASN A 35 13.17 5.48 -4.48
C ASN A 35 12.86 6.41 -3.31
N GLY A 36 11.76 6.12 -2.62
CA GLY A 36 11.38 6.91 -1.46
C GLY A 36 10.65 8.23 -1.70
N GLN A 37 10.39 8.57 -2.97
CA GLN A 37 9.69 9.81 -3.24
C GLN A 37 8.33 9.61 -3.91
N ASP A 38 7.32 10.26 -3.34
CA ASP A 38 5.95 10.20 -3.84
C ASP A 38 5.66 11.47 -4.62
N TYR A 39 4.92 11.34 -5.71
CA TYR A 39 4.56 12.49 -6.54
C TYR A 39 3.07 12.37 -6.88
N LYS A 40 2.48 13.47 -7.32
CA LYS A 40 1.07 13.48 -7.69
C LYS A 40 0.93 13.66 -9.20
N ASP A 41 0.40 12.64 -9.84
CA ASP A 41 0.22 12.62 -11.30
C ASP A 41 -0.43 13.91 -11.81
N GLY A 42 0.25 14.56 -12.75
CA GLY A 42 -0.25 15.79 -13.33
C GLY A 42 -0.09 17.06 -12.50
N ILE A 43 0.49 16.95 -11.31
CA ILE A 43 0.66 18.11 -10.44
C ILE A 43 2.11 18.36 -10.05
N THR A 44 2.78 17.33 -9.52
CA THR A 44 4.18 17.47 -9.12
C THR A 44 5.11 16.56 -9.92
N ILE A 45 4.58 15.95 -10.97
CA ILE A 45 5.38 15.09 -11.85
C ILE A 45 4.83 15.14 -13.27
N GLU A 46 5.74 15.08 -14.23
CA GLU A 46 5.39 15.12 -15.65
C GLU A 46 5.87 13.81 -16.30
N PRO A 47 5.15 13.34 -17.34
CA PRO A 47 5.50 12.10 -18.04
C PRO A 47 6.99 11.95 -18.40
N LYS A 48 7.63 13.02 -18.86
CA LYS A 48 9.04 12.97 -19.22
C LYS A 48 9.92 12.59 -18.05
N GLN A 49 9.53 13.00 -16.85
CA GLN A 49 10.29 12.69 -15.67
C GLN A 49 10.16 11.21 -15.37
N VAL A 50 9.01 10.64 -15.72
CA VAL A 50 8.78 9.22 -15.52
C VAL A 50 9.50 8.41 -16.59
N TYR A 51 9.28 8.74 -17.85
CA TYR A 51 9.92 8.01 -18.94
C TYR A 51 11.44 8.07 -18.79
N ASP A 52 11.93 9.23 -18.37
CA ASP A 52 13.36 9.41 -18.19
C ASP A 52 13.87 8.49 -17.08
N ALA A 53 13.13 8.41 -15.98
CA ALA A 53 13.50 7.57 -14.86
C ALA A 53 13.53 6.11 -15.28
N MET A 54 12.45 5.66 -15.94
CA MET A 54 12.38 4.29 -16.42
C MET A 54 13.53 4.07 -17.38
N ARG A 55 13.78 5.08 -18.21
CA ARG A 55 14.84 5.05 -19.21
C ARG A 55 16.21 4.89 -18.56
N GLN A 56 16.27 5.14 -17.25
CA GLN A 56 17.51 5.02 -16.51
C GLN A 56 17.51 3.81 -15.60
N GLY A 57 16.76 2.78 -15.97
CA GLY A 57 16.73 1.57 -15.18
C GLY A 57 15.93 1.64 -13.89
N HIS A 58 14.99 2.56 -13.81
CA HIS A 58 14.16 2.68 -12.62
C HIS A 58 12.80 2.07 -12.86
N THR A 59 12.21 1.54 -11.80
CA THR A 59 10.88 0.96 -11.90
C THR A 59 9.96 1.94 -11.19
N VAL A 60 9.34 2.81 -11.97
CA VAL A 60 8.42 3.81 -11.43
C VAL A 60 7.16 3.04 -11.04
N LYS A 61 6.67 3.30 -9.83
CA LYS A 61 5.48 2.65 -9.33
C LYS A 61 4.35 3.66 -9.16
N THR A 62 3.14 3.15 -8.95
CA THR A 62 1.99 4.02 -8.75
C THR A 62 1.21 3.53 -7.55
N ALA A 63 0.36 4.41 -7.02
CA ALA A 63 -0.48 4.09 -5.87
C ALA A 63 -1.79 4.86 -6.00
N GLN A 64 -2.78 4.47 -5.20
CA GLN A 64 -4.07 5.14 -5.22
C GLN A 64 -3.96 6.40 -4.40
N PRO A 65 -4.82 7.38 -4.65
CA PRO A 65 -4.67 8.55 -3.78
C PRO A 65 -5.18 8.07 -2.41
N SER A 66 -4.81 8.74 -1.33
CA SER A 66 -5.24 8.31 -0.01
C SER A 66 -6.71 8.60 0.23
N PRO A 67 -7.35 7.82 1.11
CA PRO A 67 -8.77 8.03 1.42
C PRO A 67 -8.94 9.43 1.97
N LEU A 68 -7.92 9.90 2.67
CA LEU A 68 -7.93 11.23 3.23
C LEU A 68 -7.97 12.25 2.11
N ALA A 69 -7.10 12.06 1.10
CA ALA A 69 -7.05 12.97 -0.04
C ALA A 69 -8.43 13.01 -0.69
N MET A 70 -9.02 11.83 -0.88
CA MET A 70 -10.34 11.74 -1.50
C MET A 70 -11.37 12.53 -0.71
N LYS A 71 -11.45 12.25 0.59
CA LYS A 71 -12.42 12.92 1.44
C LYS A 71 -12.24 14.44 1.48
N GLU A 72 -10.99 14.90 1.46
CA GLU A 72 -10.72 16.34 1.46
C GLU A 72 -11.30 16.97 0.20
N LEU A 73 -11.21 16.24 -0.91
CA LEU A 73 -11.71 16.71 -2.20
C LEU A 73 -13.24 16.81 -2.27
N PHE A 74 -13.93 15.83 -1.68
CA PHE A 74 -15.39 15.82 -1.72
C PHE A 74 -16.07 16.67 -0.66
N LEU A 75 -15.46 16.69 0.53
CA LEU A 75 -16.00 17.41 1.68
C LEU A 75 -16.56 18.80 1.37
N PRO A 76 -15.78 19.67 0.72
CA PRO A 76 -16.27 21.02 0.39
C PRO A 76 -17.64 20.99 -0.29
N TYR A 77 -17.81 20.08 -1.24
CA TYR A 77 -19.06 19.96 -1.97
C TYR A 77 -20.19 19.43 -1.08
N ALA A 78 -19.83 18.53 -0.17
CA ALA A 78 -20.81 17.94 0.75
C ALA A 78 -21.39 19.03 1.65
N LYS A 79 -20.52 19.93 2.09
CA LYS A 79 -20.90 21.04 2.96
C LYS A 79 -21.80 22.07 2.24
N GLU A 80 -21.39 22.49 1.05
CA GLU A 80 -22.19 23.45 0.30
C GLU A 80 -23.33 22.67 -0.34
N ASN A 81 -23.33 21.36 -0.10
CA ASN A 81 -24.34 20.45 -0.62
C ASN A 81 -24.51 20.59 -2.13
N ARG A 82 -23.40 20.53 -2.86
CA ARG A 82 -23.45 20.65 -4.31
C ARG A 82 -23.47 19.25 -4.93
N PRO A 83 -24.39 19.00 -5.89
CA PRO A 83 -24.46 17.69 -6.55
C PRO A 83 -23.19 17.39 -7.35
N CYS A 84 -22.64 16.19 -7.16
CA CYS A 84 -21.40 15.80 -7.83
C CYS A 84 -21.42 14.51 -8.62
N LEU A 85 -20.60 14.47 -9.67
CA LEU A 85 -20.44 13.28 -10.49
C LEU A 85 -18.92 13.05 -10.61
N TYR A 86 -18.45 11.94 -10.05
CA TYR A 86 -17.03 11.60 -10.14
C TYR A 86 -16.88 10.43 -11.10
N ILE A 87 -16.27 10.70 -12.25
CA ILE A 87 -16.04 9.68 -13.26
C ILE A 87 -14.65 9.08 -12.97
N ALA A 88 -14.66 7.91 -12.35
CA ALA A 88 -13.42 7.25 -11.94
C ALA A 88 -12.73 6.31 -12.93
N PHE A 89 -11.41 6.23 -12.78
CA PHE A 89 -10.53 5.39 -13.57
C PHE A 89 -11.04 3.94 -13.41
N SER A 90 -10.87 3.12 -14.43
CA SER A 90 -11.35 1.73 -14.39
C SER A 90 -11.05 1.01 -13.07
N SER A 91 -12.07 0.38 -12.49
CA SER A 91 -11.93 -0.35 -11.23
C SER A 91 -11.03 -1.58 -11.40
N LYS A 92 -10.86 -2.02 -12.64
CA LYS A 92 -10.02 -3.18 -12.92
C LYS A 92 -8.55 -2.79 -13.08
N LEU A 93 -8.28 -1.49 -13.14
CA LEU A 93 -6.91 -1.02 -13.29
C LEU A 93 -6.39 -0.40 -12.01
N SER A 94 -7.29 -0.12 -11.08
CA SER A 94 -6.92 0.49 -9.81
C SER A 94 -8.03 0.29 -8.77
N GLY A 95 -7.66 0.26 -7.49
CA GLY A 95 -8.65 0.10 -6.44
C GLY A 95 -9.22 1.45 -6.04
N THR A 96 -8.75 2.50 -6.73
CA THR A 96 -9.20 3.86 -6.46
C THR A 96 -10.71 3.97 -6.41
N TYR A 97 -11.39 3.40 -7.41
CA TYR A 97 -12.85 3.43 -7.46
C TYR A 97 -13.51 2.88 -6.20
N GLN A 98 -13.13 1.67 -5.82
CA GLN A 98 -13.73 1.06 -4.63
C GLN A 98 -13.45 1.90 -3.40
N THR A 99 -12.21 2.36 -3.27
CA THR A 99 -11.85 3.20 -2.13
C THR A 99 -12.75 4.41 -2.08
N ALA A 100 -12.95 5.04 -3.24
CA ALA A 100 -13.81 6.22 -3.32
C ALA A 100 -15.26 5.90 -2.93
N MET A 101 -15.72 4.69 -3.26
CA MET A 101 -17.08 4.32 -2.90
C MET A 101 -17.14 4.21 -1.37
N ALA A 102 -16.04 3.76 -0.76
CA ALA A 102 -15.97 3.63 0.69
C ALA A 102 -16.03 5.03 1.27
N VAL A 103 -15.21 5.93 0.72
CA VAL A 103 -15.21 7.31 1.19
C VAL A 103 -16.59 7.93 1.02
N ARG A 104 -17.30 7.53 -0.03
CA ARG A 104 -18.63 8.05 -0.28
C ARG A 104 -19.59 7.66 0.84
N SER A 105 -19.53 6.41 1.28
CA SER A 105 -20.41 5.94 2.36
C SER A 105 -20.16 6.74 3.63
N GLU A 106 -18.89 6.84 4.01
CA GLU A 106 -18.50 7.59 5.19
C GLU A 106 -19.13 8.99 5.14
N LEU A 107 -18.91 9.67 4.03
CA LEU A 107 -19.45 11.02 3.83
C LEU A 107 -20.96 11.05 3.86
N LEU A 108 -21.62 10.02 3.35
CA LEU A 108 -23.07 10.00 3.37
C LEU A 108 -23.56 9.90 4.80
N ASP A 109 -22.81 9.18 5.62
CA ASP A 109 -23.20 9.02 7.01
C ASP A 109 -23.19 10.37 7.71
N GLU A 110 -22.19 11.19 7.41
CA GLU A 110 -22.09 12.51 8.02
C GLU A 110 -22.96 13.53 7.28
N TYR A 111 -22.95 13.46 5.97
CA TYR A 111 -23.72 14.40 5.17
C TYR A 111 -24.77 13.73 4.31
N PRO A 112 -25.87 13.27 4.92
CA PRO A 112 -26.89 12.63 4.09
C PRO A 112 -27.38 13.74 3.16
N GLU A 113 -28.13 13.40 2.12
CA GLU A 113 -28.61 14.42 1.18
C GLU A 113 -27.52 14.89 0.22
N PHE A 114 -26.26 14.58 0.53
CA PHE A 114 -25.17 14.95 -0.34
C PHE A 114 -25.25 14.06 -1.58
N ARG A 115 -25.51 14.65 -2.74
CA ARG A 115 -25.61 13.85 -3.96
C ARG A 115 -24.27 13.71 -4.68
N LEU A 116 -23.61 12.57 -4.43
CA LEU A 116 -22.34 12.24 -5.05
C LEU A 116 -22.50 10.91 -5.76
N THR A 117 -22.39 10.93 -7.08
CA THR A 117 -22.50 9.72 -7.88
C THR A 117 -21.10 9.43 -8.40
N ILE A 118 -20.68 8.19 -8.26
CA ILE A 118 -19.38 7.78 -8.72
C ILE A 118 -19.61 6.76 -9.82
N ILE A 119 -19.02 7.00 -10.98
CA ILE A 119 -19.17 6.08 -12.10
C ILE A 119 -17.87 5.31 -12.26
N ASP A 120 -17.94 3.99 -12.25
CA ASP A 120 -16.73 3.21 -12.50
C ASP A 120 -16.68 3.22 -14.02
N SER A 121 -15.87 4.12 -14.58
CA SER A 121 -15.80 4.25 -16.02
C SER A 121 -15.41 3.00 -16.81
N LYS A 122 -14.56 2.15 -16.23
CA LYS A 122 -14.06 0.97 -16.94
C LYS A 122 -13.24 1.51 -18.10
N CYS A 123 -12.83 2.79 -17.97
CA CYS A 123 -12.06 3.46 -19.00
C CYS A 123 -10.70 3.92 -18.47
N ALA A 124 -9.82 4.29 -19.39
CA ALA A 124 -8.48 4.75 -19.05
C ALA A 124 -8.00 5.78 -20.06
N SER A 125 -7.10 6.64 -19.62
CA SER A 125 -6.55 7.68 -20.46
C SER A 125 -7.68 8.50 -21.08
N LEU A 126 -7.51 8.87 -22.35
CA LEU A 126 -8.50 9.69 -23.05
C LEU A 126 -9.87 9.02 -23.24
N GLY A 127 -9.94 7.71 -23.08
CA GLY A 127 -11.22 7.04 -23.21
C GLY A 127 -12.03 7.59 -22.05
N GLN A 128 -11.38 7.71 -20.90
CA GLN A 128 -12.00 8.25 -19.70
C GLN A 128 -12.14 9.77 -19.89
N GLY A 129 -11.08 10.42 -20.38
CA GLY A 129 -11.12 11.86 -20.59
C GLY A 129 -12.29 12.31 -21.46
N LEU A 130 -12.52 11.62 -22.57
CA LEU A 130 -13.62 11.96 -23.48
C LEU A 130 -14.96 11.95 -22.72
N ALA A 131 -15.13 10.95 -21.84
CA ALA A 131 -16.35 10.82 -21.05
C ALA A 131 -16.49 12.03 -20.13
N VAL A 132 -15.37 12.44 -19.52
CA VAL A 132 -15.37 13.60 -18.64
C VAL A 132 -15.74 14.88 -19.40
N MET A 133 -15.23 15.03 -20.62
CA MET A 133 -15.53 16.22 -21.40
C MET A 133 -17.01 16.25 -21.80
N LYS A 134 -17.60 15.08 -22.03
CA LYS A 134 -19.02 15.05 -22.38
C LYS A 134 -19.85 15.41 -21.15
N ALA A 135 -19.42 14.95 -19.98
CA ALA A 135 -20.11 15.25 -18.72
C ALA A 135 -20.13 16.77 -18.50
N VAL A 136 -19.00 17.40 -18.75
CA VAL A 136 -18.88 18.86 -18.61
C VAL A 136 -19.92 19.53 -19.53
N GLU A 137 -20.03 19.06 -20.78
CA GLU A 137 -20.99 19.64 -21.72
C GLU A 137 -22.44 19.47 -21.28
N LEU A 138 -22.80 18.26 -20.86
CA LEU A 138 -24.17 18.01 -20.42
C LEU A 138 -24.49 18.87 -19.20
N ALA A 139 -23.52 19.02 -18.31
CA ALA A 139 -23.69 19.79 -17.08
C ALA A 139 -23.89 21.26 -17.34
N LYS A 140 -23.17 21.80 -18.31
CA LYS A 140 -23.34 23.22 -18.61
C LYS A 140 -24.65 23.46 -19.35
N GLN A 141 -25.26 22.40 -19.87
CA GLN A 141 -26.54 22.52 -20.55
C GLN A 141 -27.65 22.31 -19.51
N ASN A 142 -27.24 22.12 -18.26
CA ASN A 142 -28.16 21.87 -17.16
C ASN A 142 -29.03 20.65 -17.46
N THR A 143 -28.37 19.58 -17.85
CA THR A 143 -29.06 18.33 -18.11
C THR A 143 -29.41 17.82 -16.72
N PRO A 144 -30.64 17.30 -16.53
CA PRO A 144 -31.02 16.79 -15.20
C PRO A 144 -29.98 15.79 -14.67
N TYR A 145 -29.72 15.88 -13.36
CA TYR A 145 -28.74 15.06 -12.69
C TYR A 145 -28.77 13.56 -13.03
N ASN A 146 -29.87 12.88 -12.72
CA ASN A 146 -29.94 11.43 -13.02
C ASN A 146 -29.75 11.10 -14.49
N LEU A 147 -30.43 11.86 -15.36
CA LEU A 147 -30.30 11.65 -16.78
C LEU A 147 -28.85 11.82 -17.21
N LEU A 148 -28.20 12.86 -16.68
CA LEU A 148 -26.80 13.16 -17.01
C LEU A 148 -25.90 11.99 -16.59
N CYS A 149 -26.05 11.54 -15.34
CA CYS A 149 -25.26 10.42 -14.82
C CYS A 149 -25.47 9.13 -15.63
N GLU A 150 -26.73 8.82 -15.93
CA GLU A 150 -27.06 7.61 -16.69
C GLU A 150 -26.45 7.66 -18.09
N THR A 151 -26.50 8.82 -18.71
CA THR A 151 -25.98 8.99 -20.06
C THR A 151 -24.46 8.80 -20.11
N ILE A 152 -23.76 9.39 -19.13
CA ILE A 152 -22.31 9.28 -19.10
C ILE A 152 -21.89 7.83 -18.84
N GLU A 153 -22.70 7.10 -18.07
CA GLU A 153 -22.38 5.71 -17.80
C GLU A 153 -22.54 4.87 -19.08
N SER A 154 -23.59 5.15 -19.86
CA SER A 154 -23.80 4.43 -21.11
C SER A 154 -22.68 4.79 -22.08
N TYR A 155 -22.32 6.05 -22.09
CA TYR A 155 -21.26 6.55 -22.95
C TYR A 155 -19.98 5.75 -22.65
N CYS A 156 -19.65 5.61 -21.37
CA CYS A 156 -18.46 4.86 -20.98
C CYS A 156 -18.54 3.40 -21.39
N ARG A 157 -19.75 2.83 -21.35
CA ARG A 157 -19.95 1.43 -21.71
C ARG A 157 -19.74 1.14 -23.18
N HIS A 158 -19.61 2.17 -24.00
CA HIS A 158 -19.41 1.95 -25.43
C HIS A 158 -18.07 2.49 -25.95
N MET A 159 -17.20 2.88 -25.03
CA MET A 159 -15.89 3.39 -25.42
C MET A 159 -14.93 2.25 -25.74
N GLU A 160 -14.10 2.45 -26.75
CA GLU A 160 -13.11 1.45 -27.14
C GLU A 160 -11.75 2.03 -26.81
N HIS A 161 -10.80 1.19 -26.43
CA HIS A 161 -9.44 1.65 -26.14
C HIS A 161 -8.57 0.67 -26.91
N ILE A 162 -7.92 1.13 -27.98
CA ILE A 162 -7.02 0.27 -28.77
C ILE A 162 -5.64 0.89 -28.74
N PHE A 163 -4.66 0.14 -28.22
CA PHE A 163 -3.31 0.67 -28.10
C PHE A 163 -2.14 -0.27 -28.34
N THR A 164 -0.95 0.32 -28.42
CA THR A 164 0.29 -0.43 -28.61
C THR A 164 1.35 0.19 -27.72
N VAL A 165 2.25 -0.65 -27.21
CA VAL A 165 3.34 -0.19 -26.36
C VAL A 165 4.64 -0.65 -27.00
N ASP A 166 5.77 -0.14 -26.55
CA ASP A 166 7.04 -0.56 -27.13
C ASP A 166 7.45 -1.93 -26.62
N ASN A 167 7.16 -2.18 -25.35
CA ASN A 167 7.53 -3.44 -24.72
C ASN A 167 6.50 -3.81 -23.66
N LEU A 168 5.97 -5.02 -23.75
CA LEU A 168 4.98 -5.51 -22.80
C LEU A 168 5.52 -5.75 -21.39
N ASP A 169 6.84 -5.67 -21.22
CA ASP A 169 7.43 -5.90 -19.91
C ASP A 169 6.94 -4.89 -18.88
N TYR A 170 6.81 -3.63 -19.29
CA TYR A 170 6.35 -2.57 -18.40
C TYR A 170 4.96 -2.90 -17.86
N LEU A 171 4.02 -3.16 -18.76
CA LEU A 171 2.66 -3.51 -18.36
C LEU A 171 2.67 -4.75 -17.49
N ALA A 172 3.51 -5.70 -17.84
CA ALA A 172 3.62 -6.95 -17.10
C ALA A 172 4.11 -6.72 -15.68
N ARG A 173 5.23 -6.01 -15.56
CA ARG A 173 5.80 -5.74 -14.25
C ARG A 173 4.85 -4.83 -13.47
N GLY A 174 4.04 -4.07 -14.20
CA GLY A 174 3.08 -3.17 -13.56
C GLY A 174 1.94 -3.97 -12.96
N GLY A 175 1.72 -5.16 -13.49
CA GLY A 175 0.67 -6.03 -12.98
C GLY A 175 -0.69 -5.99 -13.64
N ARG A 176 -0.94 -5.04 -14.53
CA ARG A 176 -2.27 -4.97 -15.15
C ARG A 176 -2.46 -5.98 -16.30
N ILE A 177 -1.42 -6.77 -16.58
CA ILE A 177 -1.50 -7.83 -17.58
C ILE A 177 -0.64 -8.95 -16.99
N SER A 178 -1.02 -10.20 -17.28
CA SER A 178 -0.26 -11.35 -16.78
C SER A 178 1.17 -11.30 -17.30
N ASN A 189 11.29 -8.40 -33.01
CA ASN A 189 10.83 -7.04 -33.25
C ASN A 189 9.31 -6.94 -33.30
N ILE A 190 8.64 -7.84 -32.57
CA ILE A 190 7.19 -7.87 -32.52
C ILE A 190 6.59 -6.83 -31.57
N LYS A 191 5.71 -5.99 -32.11
CA LYS A 191 5.03 -4.98 -31.32
C LYS A 191 3.64 -5.51 -31.02
N PRO A 192 3.17 -5.36 -29.77
CA PRO A 192 1.84 -5.86 -29.42
C PRO A 192 0.72 -4.85 -29.63
N LEU A 193 -0.46 -5.39 -29.90
CA LEU A 193 -1.62 -4.55 -30.07
C LEU A 193 -2.58 -5.06 -28.99
N LEU A 194 -2.98 -4.15 -28.10
CA LEU A 194 -3.90 -4.51 -27.03
C LEU A 194 -5.16 -3.67 -27.09
N HIS A 195 -6.12 -3.99 -26.23
CA HIS A 195 -7.35 -3.23 -26.17
C HIS A 195 -7.93 -3.38 -24.78
N VAL A 196 -8.90 -2.53 -24.45
CA VAL A 196 -9.53 -2.58 -23.15
C VAL A 196 -10.89 -3.23 -23.32
N GLU A 197 -11.10 -4.30 -22.55
CA GLU A 197 -12.35 -5.05 -22.56
C GLU A 197 -12.96 -5.02 -21.18
N ASP A 198 -14.15 -4.43 -21.07
CA ASP A 198 -14.84 -4.33 -19.79
C ASP A 198 -13.94 -3.78 -18.67
N GLY A 199 -13.11 -2.80 -19.02
CA GLY A 199 -12.23 -2.20 -18.03
C GLY A 199 -10.87 -2.83 -17.82
N ALA A 200 -10.64 -4.01 -18.41
CA ALA A 200 -9.34 -4.68 -18.25
C ALA A 200 -8.48 -4.65 -19.51
N LEU A 201 -7.17 -4.84 -19.33
CA LEU A 201 -6.23 -4.85 -20.43
C LEU A 201 -6.11 -6.27 -20.95
N ILE A 202 -6.30 -6.43 -22.25
CA ILE A 202 -6.22 -7.74 -22.89
C ILE A 202 -5.29 -7.68 -24.10
N PRO A 203 -4.14 -8.38 -24.05
CA PRO A 203 -3.21 -8.38 -25.18
C PRO A 203 -3.99 -9.02 -26.32
N LEU A 204 -3.98 -8.38 -27.50
CA LEU A 204 -4.75 -8.89 -28.61
C LEU A 204 -3.95 -9.53 -29.76
N GLU A 205 -3.09 -8.74 -30.39
CA GLU A 205 -2.30 -9.26 -31.50
C GLU A 205 -0.84 -8.91 -31.41
N LYS A 206 -0.07 -9.55 -32.29
CA LYS A 206 1.36 -9.37 -32.40
C LYS A 206 1.69 -9.09 -33.87
N TRP A 207 2.35 -7.97 -34.12
CA TRP A 207 2.73 -7.59 -35.48
C TRP A 207 4.20 -7.23 -35.55
N ARG A 208 4.78 -7.45 -36.73
CA ARG A 208 6.18 -7.14 -36.92
C ARG A 208 6.32 -5.67 -37.29
N GLY A 209 7.00 -4.91 -36.42
CA GLY A 209 7.21 -3.51 -36.70
C GLY A 209 6.04 -2.58 -36.42
N ARG A 210 6.41 -1.34 -36.11
CA ARG A 210 5.48 -0.27 -35.79
C ARG A 210 4.46 0.04 -36.88
N LYS A 211 4.95 0.34 -38.08
CA LYS A 211 4.07 0.68 -39.20
C LYS A 211 2.85 -0.21 -39.32
N LYS A 212 3.02 -1.51 -39.13
CA LYS A 212 1.90 -2.43 -39.26
C LYS A 212 0.87 -2.37 -38.13
N VAL A 213 1.31 -2.21 -36.88
CA VAL A 213 0.36 -2.14 -35.78
C VAL A 213 -0.47 -0.87 -35.87
N LEU A 214 0.14 0.22 -36.35
CA LEU A 214 -0.56 1.49 -36.49
C LEU A 214 -1.62 1.35 -37.58
N LYS A 215 -1.25 0.70 -38.66
CA LYS A 215 -2.15 0.47 -39.78
C LYS A 215 -3.29 -0.41 -39.30
N ARG A 216 -2.95 -1.41 -38.52
CA ARG A 216 -3.92 -2.35 -37.96
C ARG A 216 -4.83 -1.67 -36.93
N MET A 217 -4.27 -0.78 -36.11
CA MET A 217 -5.06 -0.07 -35.11
C MET A 217 -6.17 0.71 -35.82
N VAL A 218 -5.79 1.45 -36.86
CA VAL A 218 -6.75 2.23 -37.63
C VAL A 218 -7.80 1.32 -38.24
N GLU A 219 -7.37 0.13 -38.64
CA GLU A 219 -8.24 -0.85 -39.26
C GLU A 219 -9.28 -1.42 -38.29
N LEU A 220 -8.83 -1.78 -37.09
CA LEU A 220 -9.71 -2.33 -36.08
C LEU A 220 -10.74 -1.26 -35.67
N MET A 221 -10.31 0.00 -35.71
CA MET A 221 -11.17 1.13 -35.38
C MET A 221 -12.34 1.11 -36.37
N GLY A 222 -12.03 0.92 -37.64
CA GLY A 222 -13.06 0.89 -38.67
C GLY A 222 -14.03 -0.27 -38.51
N GLU A 223 -13.56 -1.35 -37.89
CA GLU A 223 -14.38 -2.53 -37.68
C GLU A 223 -15.34 -2.36 -36.50
N ARG A 224 -14.83 -1.78 -35.42
CA ARG A 224 -15.62 -1.59 -34.21
C ARG A 224 -16.34 -0.26 -34.16
N GLY A 225 -15.74 0.75 -34.78
CA GLY A 225 -16.31 2.08 -34.77
C GLY A 225 -17.73 2.18 -35.29
N ASP A 226 -18.41 3.25 -34.90
CA ASP A 226 -19.77 3.51 -35.34
C ASP A 226 -19.89 4.99 -35.68
N ASP A 227 -20.27 5.29 -36.92
CA ASP A 227 -20.43 6.67 -37.34
C ASP A 227 -19.16 7.43 -36.98
N LEU A 228 -18.01 6.84 -37.31
CA LEU A 228 -16.70 7.43 -37.01
C LEU A 228 -16.48 8.89 -37.44
N GLN A 229 -17.07 9.28 -38.56
CA GLN A 229 -16.91 10.65 -39.05
C GLN A 229 -17.56 11.70 -38.14
N LYS A 230 -18.61 11.31 -37.42
CA LYS A 230 -19.31 12.23 -36.52
C LYS A 230 -18.68 12.28 -35.13
N GLN A 231 -17.74 11.37 -34.86
CA GLN A 231 -17.08 11.28 -33.55
C GLN A 231 -15.81 12.09 -33.37
N THR A 232 -15.54 12.45 -32.13
CA THR A 232 -14.31 13.14 -31.79
C THR A 232 -13.38 11.99 -31.43
N ILE A 233 -12.39 11.73 -32.28
CA ILE A 233 -11.46 10.64 -32.03
C ILE A 233 -10.37 11.05 -31.05
N GLY A 234 -10.16 10.24 -30.02
CA GLY A 234 -9.12 10.55 -29.06
C GLY A 234 -7.84 9.79 -29.36
N ILE A 235 -6.70 10.45 -29.16
CA ILE A 235 -5.40 9.81 -29.37
C ILE A 235 -4.43 10.28 -28.30
N SER A 236 -3.88 9.35 -27.53
CA SER A 236 -2.91 9.74 -26.52
C SER A 236 -1.60 9.02 -26.83
N HIS A 237 -0.49 9.67 -26.50
CA HIS A 237 0.84 9.15 -26.78
C HIS A 237 1.80 9.39 -25.62
N ALA A 238 2.81 8.52 -25.51
CA ALA A 238 3.81 8.65 -24.47
C ALA A 238 4.93 9.53 -25.00
N ASP A 239 4.71 10.85 -24.95
CA ASP A 239 5.69 11.81 -25.42
C ASP A 239 6.20 11.42 -26.81
N ASP A 240 5.27 11.25 -27.74
CA ASP A 240 5.59 10.89 -29.10
C ASP A 240 4.53 11.53 -30.02
N GLU A 241 4.35 12.83 -29.90
CA GLU A 241 3.34 13.51 -30.70
C GLU A 241 3.49 13.25 -32.20
N GLU A 242 4.73 13.08 -32.65
CA GLU A 242 4.98 12.84 -34.06
C GLU A 242 4.18 11.66 -34.58
N THR A 243 4.17 10.57 -33.82
CA THR A 243 3.44 9.39 -34.23
C THR A 243 1.94 9.64 -34.10
N ALA A 244 1.54 10.31 -33.03
CA ALA A 244 0.12 10.61 -32.82
C ALA A 244 -0.40 11.38 -34.03
N LEU A 245 0.35 12.41 -34.44
CA LEU A 245 -0.01 13.22 -35.59
C LEU A 245 -0.01 12.36 -36.85
N GLU A 246 0.82 11.33 -36.85
CA GLU A 246 0.92 10.41 -37.98
C GLU A 246 -0.34 9.56 -38.02
N LEU A 247 -0.73 9.06 -36.84
CA LEU A 247 -1.91 8.24 -36.70
C LEU A 247 -3.17 9.04 -37.02
N LYS A 248 -3.14 10.33 -36.68
CA LYS A 248 -4.25 11.24 -36.93
C LYS A 248 -4.51 11.36 -38.43
N GLN A 249 -3.44 11.43 -39.22
CA GLN A 249 -3.59 11.54 -40.66
C GLN A 249 -4.14 10.26 -41.28
N MET A 250 -3.58 9.12 -40.88
CA MET A 250 -4.03 7.83 -41.39
C MET A 250 -5.53 7.69 -41.16
N ILE A 251 -6.00 8.21 -40.03
CA ILE A 251 -7.42 8.15 -39.69
C ILE A 251 -8.27 9.07 -40.56
N GLU A 252 -7.80 10.31 -40.78
CA GLU A 252 -8.58 11.22 -41.62
C GLU A 252 -8.57 10.72 -43.06
N GLU A 253 -7.49 10.04 -43.46
CA GLU A 253 -7.39 9.49 -44.82
C GLU A 253 -8.32 8.30 -44.98
N THR A 254 -8.19 7.36 -44.06
CA THR A 254 -8.97 6.13 -44.08
C THR A 254 -10.43 6.21 -43.70
N HIS A 255 -10.74 6.93 -42.62
CA HIS A 255 -12.12 7.03 -42.16
C HIS A 255 -12.77 8.39 -42.40
N GLY A 256 -11.97 9.36 -42.83
CA GLY A 256 -12.54 10.65 -43.09
C GLY A 256 -13.00 11.37 -41.83
N CYS A 257 -12.29 11.15 -40.72
CA CYS A 257 -12.65 11.81 -39.47
C CYS A 257 -12.10 13.22 -39.52
N THR A 258 -12.76 14.15 -38.84
CA THR A 258 -12.34 15.54 -38.83
C THR A 258 -12.17 16.09 -37.42
N ARG A 259 -12.74 15.39 -36.44
CA ARG A 259 -12.67 15.82 -35.05
C ARG A 259 -11.70 14.95 -34.26
N PHE A 260 -10.65 15.55 -33.70
CA PHE A 260 -9.67 14.82 -32.92
C PHE A 260 -9.32 15.53 -31.63
N PHE A 261 -8.83 14.75 -30.67
CA PHE A 261 -8.37 15.29 -29.39
C PHE A 261 -7.12 14.50 -29.03
N LEU A 262 -5.95 15.13 -29.17
CA LEU A 262 -4.70 14.46 -28.86
C LEU A 262 -4.18 14.97 -27.54
N SER A 263 -3.53 14.08 -26.80
CA SER A 263 -3.00 14.44 -25.51
C SER A 263 -1.93 13.44 -25.09
N ASP A 264 -1.05 13.86 -24.19
CA ASP A 264 0.00 12.97 -23.70
C ASP A 264 -0.59 12.06 -22.64
N ILE A 265 -0.03 10.87 -22.52
CA ILE A 265 -0.47 9.92 -21.51
C ILE A 265 0.02 10.49 -20.19
N GLY A 266 -0.76 10.31 -19.12
CA GLY A 266 -0.36 10.83 -17.82
C GLY A 266 0.81 10.05 -17.24
N SER A 267 1.35 10.52 -16.13
CA SER A 267 2.49 9.87 -15.50
C SER A 267 2.15 8.49 -14.91
N ALA A 268 1.02 8.37 -14.22
CA ALA A 268 0.67 7.10 -13.62
C ALA A 268 0.48 6.01 -14.68
N ILE A 269 -0.29 6.32 -15.72
CA ILE A 269 -0.50 5.35 -16.78
C ILE A 269 0.80 5.10 -17.52
N GLY A 270 1.56 6.16 -17.77
CA GLY A 270 2.84 6.04 -18.47
C GLY A 270 3.84 5.14 -17.76
N ALA A 271 3.81 5.14 -16.43
CA ALA A 271 4.73 4.30 -15.67
C ALA A 271 4.44 2.81 -15.93
N HIS A 272 3.23 2.49 -16.39
CA HIS A 272 2.86 1.11 -16.68
C HIS A 272 2.97 0.75 -18.16
N ALA A 273 2.48 1.63 -19.02
CA ALA A 273 2.52 1.38 -20.46
C ALA A 273 3.93 1.53 -21.03
N GLY A 274 4.68 2.47 -20.47
CA GLY A 274 6.05 2.69 -20.93
C GLY A 274 6.12 3.58 -22.16
N PRO A 275 7.34 3.94 -22.58
CA PRO A 275 7.55 4.79 -23.76
C PRO A 275 7.06 4.15 -25.04
N GLY A 276 6.83 4.99 -26.06
CA GLY A 276 6.38 4.51 -27.35
C GLY A 276 4.95 3.99 -27.37
N THR A 277 4.18 4.35 -26.36
CA THR A 277 2.79 3.93 -26.28
C THR A 277 1.93 4.87 -27.11
N ILE A 278 1.03 4.29 -27.90
CA ILE A 278 0.11 5.05 -28.73
C ILE A 278 -1.25 4.40 -28.60
N ALA A 279 -2.30 5.20 -28.39
CA ALA A 279 -3.64 4.65 -28.26
C ALA A 279 -4.71 5.52 -28.89
N LEU A 280 -5.78 4.88 -29.35
CA LEU A 280 -6.89 5.60 -29.95
C LEU A 280 -8.20 5.20 -29.24
N PHE A 281 -9.11 6.16 -29.16
CA PHE A 281 -10.36 6.01 -28.45
C PHE A 281 -11.54 6.46 -29.29
N PHE A 282 -12.59 5.65 -29.30
CA PHE A 282 -13.78 5.94 -30.09
C PHE A 282 -14.93 5.08 -29.55
N LEU A 283 -16.16 5.44 -29.90
CA LEU A 283 -17.34 4.70 -29.47
C LEU A 283 -17.75 3.61 -30.45
N ASN A 284 -18.17 2.45 -29.95
CA ASN A 284 -18.61 1.38 -30.83
C ASN A 284 -20.11 1.56 -31.07
N LYS A 285 -20.64 2.63 -30.51
CA LYS A 285 -22.04 3.02 -30.67
C LYS A 285 -22.05 4.54 -30.50
N TYR A 286 -22.36 5.25 -31.59
CA TYR A 286 -22.35 6.69 -31.56
C TYR A 286 -23.46 7.32 -30.73
N ILE A 287 -23.17 7.58 -29.46
CA ILE A 287 -24.12 8.22 -28.55
C ILE A 287 -23.92 9.69 -28.86
N GLU A 288 -24.96 10.30 -29.42
CA GLU A 288 -24.95 11.68 -29.88
C GLU A 288 -24.93 12.82 -28.88
N ILE A 289 -23.85 12.90 -28.11
CA ILE A 289 -23.65 13.97 -27.14
C ILE A 289 -22.26 14.56 -27.35
N ASN B 1 7.62 13.50 3.34
CA ASN B 1 8.26 13.65 1.99
C ASN B 1 9.22 12.49 1.66
N ALA B 2 10.40 12.79 1.11
CA ALA B 2 11.34 11.74 0.74
C ALA B 2 11.81 10.83 1.89
N MET B 3 12.33 9.67 1.52
CA MET B 3 12.86 8.67 2.46
C MET B 3 13.76 7.76 1.62
N PRO B 4 14.97 8.25 1.26
CA PRO B 4 16.00 7.57 0.44
C PRO B 4 16.30 6.12 0.82
N ILE B 5 16.38 5.86 2.12
CA ILE B 5 16.65 4.52 2.63
C ILE B 5 15.32 3.77 2.74
N GLU B 6 15.29 2.53 2.27
CA GLU B 6 14.07 1.74 2.36
C GLU B 6 14.06 0.96 3.70
N ILE B 7 12.98 1.13 4.46
CA ILE B 7 12.82 0.42 5.74
C ILE B 7 12.00 -0.86 5.53
N ILE B 8 12.53 -1.96 6.02
CA ILE B 8 11.90 -3.27 5.88
C ILE B 8 11.75 -3.96 7.24
N THR B 9 10.63 -4.66 7.43
CA THR B 9 10.45 -5.38 8.67
C THR B 9 9.51 -6.55 8.46
N ASP B 10 9.32 -7.36 9.49
CA ASP B 10 8.44 -8.52 9.40
C ASP B 10 7.28 -8.36 10.34
N SER B 11 6.32 -9.27 10.25
CA SER B 11 5.12 -9.22 11.09
C SER B 11 5.40 -9.35 12.59
N GLY B 12 6.66 -9.57 12.95
CA GLY B 12 7.01 -9.69 14.36
C GLY B 12 7.05 -8.34 15.06
N ALA B 13 7.12 -7.27 14.27
CA ALA B 13 7.19 -5.91 14.79
C ALA B 13 5.87 -5.41 15.38
N ASP B 14 4.78 -6.11 15.04
CA ASP B 14 3.45 -5.74 15.51
C ASP B 14 3.03 -4.29 15.29
N LEU B 15 3.34 -3.76 14.10
CA LEU B 15 2.95 -2.41 13.75
C LEU B 15 1.70 -2.59 12.90
N PRO B 16 0.76 -1.64 12.97
CA PRO B 16 -0.48 -1.75 12.17
C PRO B 16 -0.22 -1.54 10.68
N GLN B 17 -0.90 -2.30 9.85
CA GLN B 17 -0.73 -2.17 8.40
C GLN B 17 -0.91 -0.75 7.91
N SER B 18 -1.72 0.04 8.60
CA SER B 18 -1.92 1.41 8.18
C SER B 18 -0.56 2.13 8.20
N TYR B 19 0.22 1.89 9.25
CA TYR B 19 1.53 2.49 9.38
C TYR B 19 2.48 1.93 8.33
N ILE B 20 2.49 0.60 8.22
CA ILE B 20 3.34 -0.10 7.26
C ILE B 20 3.13 0.47 5.89
N ARG B 21 1.86 0.58 5.49
CA ARG B 21 1.52 1.08 4.17
C ARG B 21 1.78 2.56 3.96
N GLU B 22 1.50 3.35 4.98
CA GLU B 22 1.71 4.79 4.87
C GLU B 22 3.16 5.15 4.58
N HIS B 23 4.09 4.45 5.22
CA HIS B 23 5.51 4.72 5.04
C HIS B 23 6.17 3.83 4.00
N ARG B 24 5.35 3.07 3.26
CA ARG B 24 5.84 2.16 2.24
C ARG B 24 6.97 1.27 2.77
N ILE B 25 6.72 0.66 3.92
CA ILE B 25 7.69 -0.22 4.56
C ILE B 25 7.55 -1.62 4.00
N ALA B 26 8.61 -2.14 3.38
CA ALA B 26 8.58 -3.49 2.82
C ALA B 26 8.23 -4.42 3.98
N PHE B 27 7.23 -5.27 3.78
CA PHE B 27 6.73 -6.15 4.83
C PHE B 27 6.91 -7.64 4.56
N LEU B 28 7.52 -8.35 5.49
CA LEU B 28 7.75 -9.79 5.38
C LEU B 28 6.85 -10.48 6.40
N PRO B 29 5.66 -10.94 5.97
CA PRO B 29 4.70 -11.62 6.84
C PRO B 29 5.21 -12.95 7.33
N LEU B 30 5.04 -13.20 8.61
CA LEU B 30 5.44 -14.47 9.18
C LEU B 30 4.26 -15.40 8.91
N VAL B 31 4.54 -16.68 8.69
CA VAL B 31 3.49 -17.65 8.39
C VAL B 31 2.76 -18.23 9.60
N VAL B 32 1.44 -18.25 9.50
CA VAL B 32 0.59 -18.81 10.55
C VAL B 32 -0.17 -19.98 9.93
N HIS B 33 -0.31 -21.07 10.67
CA HIS B 33 -1.00 -22.25 10.16
C HIS B 33 -2.31 -22.47 10.93
N TRP B 34 -3.41 -22.21 10.24
CA TRP B 34 -4.74 -22.32 10.81
C TRP B 34 -5.67 -23.07 9.84
N ASN B 35 -6.44 -24.01 10.38
CA ASN B 35 -7.38 -24.83 9.58
C ASN B 35 -6.67 -25.57 8.45
N GLY B 36 -5.58 -26.26 8.79
CA GLY B 36 -4.83 -27.01 7.80
C GLY B 36 -4.41 -26.18 6.61
N GLN B 37 -4.29 -24.87 6.83
CA GLN B 37 -3.93 -23.92 5.78
C GLN B 37 -2.87 -22.91 6.25
N ASP B 38 -2.22 -22.24 5.30
CA ASP B 38 -1.20 -21.23 5.60
C ASP B 38 -1.70 -19.82 5.35
N TYR B 39 -1.51 -18.94 6.32
CA TYR B 39 -1.94 -17.55 6.18
C TYR B 39 -0.76 -16.64 6.50
N LYS B 40 -0.75 -15.45 5.91
CA LYS B 40 0.32 -14.49 6.15
C LYS B 40 -0.06 -13.55 7.27
N ASP B 41 0.74 -13.56 8.34
CA ASP B 41 0.51 -12.73 9.51
C ASP B 41 0.30 -11.25 9.11
N GLY B 42 -0.87 -10.72 9.45
CA GLY B 42 -1.17 -9.33 9.15
C GLY B 42 -1.74 -9.05 7.76
N ILE B 43 -1.53 -9.96 6.82
CA ILE B 43 -2.02 -9.78 5.47
C ILE B 43 -3.21 -10.70 5.11
N THR B 44 -3.05 -12.00 5.36
CA THR B 44 -4.10 -12.99 5.08
C THR B 44 -4.92 -13.37 6.30
N ILE B 45 -4.24 -13.58 7.43
CA ILE B 45 -4.89 -13.95 8.68
C ILE B 45 -4.99 -12.72 9.59
N GLU B 46 -5.91 -12.76 10.55
CA GLU B 46 -6.09 -11.64 11.46
C GLU B 46 -6.05 -12.15 12.90
N PRO B 47 -5.38 -11.41 13.80
CA PRO B 47 -5.22 -11.74 15.22
C PRO B 47 -6.43 -12.30 15.97
N LYS B 48 -7.58 -11.65 15.83
CA LYS B 48 -8.81 -12.10 16.50
C LYS B 48 -9.22 -13.51 16.05
N GLN B 49 -8.95 -13.85 14.80
CA GLN B 49 -9.26 -15.17 14.30
C GLN B 49 -8.45 -16.21 15.07
N VAL B 50 -7.16 -15.95 15.23
CA VAL B 50 -6.27 -16.87 15.96
C VAL B 50 -6.62 -16.93 17.45
N TYR B 51 -6.90 -15.77 18.05
CA TYR B 51 -7.24 -15.75 19.47
C TYR B 51 -8.55 -16.47 19.77
N ASP B 52 -9.52 -16.32 18.86
CA ASP B 52 -10.80 -16.99 19.07
C ASP B 52 -10.61 -18.48 18.83
N ALA B 53 -9.78 -18.82 17.85
CA ALA B 53 -9.50 -20.22 17.57
C ALA B 53 -8.81 -20.84 18.79
N MET B 54 -7.84 -20.12 19.36
CA MET B 54 -7.11 -20.62 20.52
C MET B 54 -8.05 -20.70 21.72
N ARG B 55 -8.97 -19.75 21.85
CA ARG B 55 -9.92 -19.74 22.96
C ARG B 55 -10.86 -20.95 22.87
N GLN B 56 -11.02 -21.49 21.67
CA GLN B 56 -11.88 -22.65 21.45
C GLN B 56 -11.13 -23.97 21.69
N GLY B 57 -9.81 -23.90 21.83
CA GLY B 57 -9.02 -25.09 22.07
C GLY B 57 -8.24 -25.55 20.84
N HIS B 58 -8.34 -24.80 19.76
CA HIS B 58 -7.63 -25.13 18.54
C HIS B 58 -6.17 -24.73 18.66
N THR B 59 -5.32 -25.45 17.95
CA THR B 59 -3.89 -25.17 17.99
C THR B 59 -3.44 -24.47 16.72
N VAL B 60 -2.97 -23.24 16.88
CA VAL B 60 -2.47 -22.46 15.75
C VAL B 60 -0.96 -22.63 15.74
N LYS B 61 -0.37 -22.82 14.58
CA LYS B 61 1.07 -22.99 14.48
C LYS B 61 1.67 -21.91 13.59
N THR B 62 2.99 -21.70 13.68
CA THR B 62 3.65 -20.68 12.88
C THR B 62 4.84 -21.24 12.12
N ALA B 63 5.26 -20.53 11.09
CA ALA B 63 6.40 -20.93 10.30
C ALA B 63 7.09 -19.69 9.80
N GLN B 64 8.41 -19.75 9.65
CA GLN B 64 9.12 -18.58 9.17
C GLN B 64 8.86 -18.52 7.68
N PRO B 65 9.02 -17.33 7.09
CA PRO B 65 8.81 -17.18 5.65
C PRO B 65 9.79 -18.05 4.88
N SER B 66 9.42 -18.42 3.67
CA SER B 66 10.30 -19.23 2.83
C SER B 66 11.41 -18.36 2.27
N PRO B 67 12.58 -18.95 2.02
CA PRO B 67 13.71 -18.20 1.46
C PRO B 67 13.35 -17.50 0.16
N LEU B 68 12.39 -18.05 -0.56
CA LEU B 68 11.94 -17.50 -1.84
C LEU B 68 11.06 -16.27 -1.63
N ALA B 69 10.23 -16.30 -0.59
CA ALA B 69 9.37 -15.17 -0.29
C ALA B 69 10.26 -13.99 0.10
N MET B 70 11.34 -14.29 0.81
CA MET B 70 12.27 -13.28 1.25
C MET B 70 13.02 -12.70 0.06
N LYS B 71 13.63 -13.57 -0.75
CA LYS B 71 14.37 -13.10 -1.91
C LYS B 71 13.49 -12.29 -2.83
N GLU B 72 12.21 -12.65 -2.91
CA GLU B 72 11.30 -11.92 -3.77
C GLU B 72 11.00 -10.53 -3.23
N LEU B 73 10.99 -10.40 -1.91
CA LEU B 73 10.75 -9.10 -1.31
C LEU B 73 11.93 -8.16 -1.57
N PHE B 74 13.15 -8.65 -1.33
CA PHE B 74 14.37 -7.86 -1.51
C PHE B 74 14.77 -7.56 -2.95
N LEU B 75 14.52 -8.51 -3.85
CA LEU B 75 14.88 -8.41 -5.27
C LEU B 75 14.62 -7.07 -5.97
N PRO B 76 13.41 -6.52 -5.82
CA PRO B 76 13.14 -5.24 -6.49
C PRO B 76 14.13 -4.15 -6.07
N TYR B 77 14.51 -4.18 -4.79
CA TYR B 77 15.46 -3.20 -4.24
C TYR B 77 16.88 -3.52 -4.69
N ALA B 78 17.23 -4.79 -4.80
CA ALA B 78 18.56 -5.18 -5.26
C ALA B 78 18.76 -4.59 -6.65
N LYS B 79 17.72 -4.68 -7.48
CA LYS B 79 17.73 -4.19 -8.84
C LYS B 79 17.74 -2.67 -8.92
N GLU B 80 16.97 -2.02 -8.05
CA GLU B 80 16.90 -0.55 -8.01
C GLU B 80 18.18 0.04 -7.44
N ASN B 81 18.94 -0.78 -6.73
CA ASN B 81 20.18 -0.33 -6.11
C ASN B 81 19.82 0.66 -5.00
N ARG B 82 18.70 0.41 -4.34
CA ARG B 82 18.26 1.28 -3.26
C ARG B 82 18.76 0.74 -1.93
N PRO B 83 19.36 1.61 -1.10
CA PRO B 83 19.87 1.19 0.21
C PRO B 83 18.74 0.72 1.13
N CYS B 84 18.93 -0.44 1.76
CA CYS B 84 17.91 -1.02 2.60
C CYS B 84 18.35 -1.41 4.00
N LEU B 85 17.42 -1.29 4.95
CA LEU B 85 17.64 -1.69 6.33
C LEU B 85 16.48 -2.58 6.70
N TYR B 86 16.76 -3.82 7.06
CA TYR B 86 15.72 -4.74 7.46
C TYR B 86 15.85 -4.99 8.96
N ILE B 87 14.84 -4.60 9.72
CA ILE B 87 14.83 -4.81 11.16
C ILE B 87 14.08 -6.12 11.40
N ALA B 88 14.85 -7.18 11.62
CA ALA B 88 14.32 -8.52 11.80
C ALA B 88 13.99 -8.95 13.22
N PHE B 89 12.99 -9.83 13.32
CA PHE B 89 12.51 -10.43 14.57
C PHE B 89 13.68 -11.18 15.23
N SER B 90 13.72 -11.18 16.56
CA SER B 90 14.78 -11.85 17.32
C SER B 90 15.23 -13.19 16.75
N SER B 91 16.52 -13.31 16.47
CA SER B 91 17.07 -14.54 15.92
C SER B 91 16.86 -15.71 16.89
N LYS B 92 16.64 -15.40 18.17
CA LYS B 92 16.44 -16.42 19.19
C LYS B 92 15.01 -16.94 19.20
N LEU B 93 14.08 -16.22 18.58
CA LEU B 93 12.69 -16.63 18.58
C LEU B 93 12.23 -17.19 17.23
N SER B 94 13.08 -17.06 16.22
CA SER B 94 12.75 -17.57 14.90
C SER B 94 14.00 -17.70 14.04
N GLY B 95 13.90 -18.51 13.00
CA GLY B 95 15.03 -18.70 12.11
C GLY B 95 14.96 -17.71 10.97
N THR B 96 13.92 -16.90 10.99
CA THR B 96 13.72 -15.88 9.98
C THR B 96 14.97 -15.06 9.76
N TYR B 97 15.55 -14.57 10.85
CA TYR B 97 16.76 -13.76 10.73
C TYR B 97 17.86 -14.51 10.00
N GLN B 98 18.16 -15.73 10.45
CA GLN B 98 19.21 -16.53 9.84
C GLN B 98 18.95 -16.79 8.36
N THR B 99 17.70 -17.10 8.03
CA THR B 99 17.33 -17.36 6.65
C THR B 99 17.54 -16.11 5.81
N ALA B 100 17.11 -14.97 6.36
CA ALA B 100 17.26 -13.70 5.69
C ALA B 100 18.74 -13.39 5.40
N MET B 101 19.61 -13.70 6.35
CA MET B 101 21.03 -13.45 6.14
C MET B 101 21.56 -14.33 5.01
N ALA B 102 21.01 -15.53 4.90
CA ALA B 102 21.40 -16.45 3.85
C ALA B 102 20.99 -15.86 2.50
N VAL B 103 19.71 -15.50 2.39
CA VAL B 103 19.19 -14.90 1.16
C VAL B 103 20.00 -13.67 0.76
N ARG B 104 20.44 -12.91 1.77
CA ARG B 104 21.20 -11.70 1.53
C ARG B 104 22.55 -11.92 0.86
N SER B 105 23.35 -12.84 1.40
CA SER B 105 24.66 -13.12 0.82
C SER B 105 24.49 -13.52 -0.64
N GLU B 106 23.39 -14.19 -0.95
CA GLU B 106 23.11 -14.59 -2.32
C GLU B 106 22.98 -13.34 -3.18
N LEU B 107 22.03 -12.49 -2.80
CA LEU B 107 21.77 -11.25 -3.51
C LEU B 107 23.00 -10.37 -3.64
N LEU B 108 23.81 -10.32 -2.59
CA LEU B 108 25.01 -9.52 -2.64
C LEU B 108 26.03 -10.13 -3.60
N ASP B 109 25.99 -11.45 -3.74
CA ASP B 109 26.89 -12.14 -4.66
C ASP B 109 26.52 -11.74 -6.10
N GLU B 110 25.22 -11.74 -6.35
CA GLU B 110 24.68 -11.41 -7.66
C GLU B 110 24.57 -9.91 -7.96
N TYR B 111 24.31 -9.11 -6.94
CA TYR B 111 24.20 -7.66 -7.11
C TYR B 111 25.23 -6.98 -6.21
N PRO B 112 26.51 -7.07 -6.59
CA PRO B 112 27.65 -6.49 -5.87
C PRO B 112 27.46 -5.12 -5.24
N GLU B 113 26.72 -4.24 -5.91
CA GLU B 113 26.51 -2.89 -5.41
C GLU B 113 25.31 -2.72 -4.48
N PHE B 114 24.47 -3.75 -4.38
CA PHE B 114 23.30 -3.73 -3.51
C PHE B 114 23.66 -3.59 -2.02
N ARG B 115 23.12 -2.56 -1.39
CA ARG B 115 23.35 -2.30 0.04
C ARG B 115 22.14 -2.71 0.85
N LEU B 116 22.26 -3.83 1.56
CA LEU B 116 21.19 -4.34 2.40
C LEU B 116 21.74 -4.64 3.78
N THR B 117 21.21 -3.96 4.80
CA THR B 117 21.65 -4.17 6.16
C THR B 117 20.53 -4.88 6.92
N ILE B 118 20.88 -5.97 7.59
CA ILE B 118 19.90 -6.71 8.35
C ILE B 118 20.26 -6.67 9.82
N ILE B 119 19.35 -6.14 10.62
CA ILE B 119 19.60 -6.06 12.06
C ILE B 119 18.84 -7.15 12.78
N ASP B 120 19.55 -7.95 13.55
CA ASP B 120 18.91 -8.98 14.36
C ASP B 120 18.54 -8.16 15.60
N SER B 121 17.36 -7.57 15.58
CA SER B 121 16.93 -6.72 16.68
C SER B 121 16.96 -7.38 18.04
N LYS B 122 16.75 -8.71 18.07
CA LYS B 122 16.70 -9.43 19.34
C LYS B 122 15.54 -8.82 20.12
N CYS B 123 14.57 -8.30 19.37
CA CYS B 123 13.37 -7.68 19.93
C CYS B 123 12.14 -8.41 19.38
N ALA B 124 10.97 -8.10 19.94
CA ALA B 124 9.72 -8.73 19.51
C ALA B 124 8.55 -7.80 19.76
N SER B 125 7.48 -7.97 18.97
CA SER B 125 6.29 -7.15 19.12
C SER B 125 6.70 -5.68 19.01
N LEU B 126 6.06 -4.81 19.80
CA LEU B 126 6.39 -3.38 19.76
C LEU B 126 7.81 -3.05 20.19
N GLY B 127 8.49 -4.00 20.84
CA GLY B 127 9.87 -3.76 21.20
C GLY B 127 10.57 -3.56 19.86
N GLN B 128 10.23 -4.43 18.92
CA GLN B 128 10.76 -4.36 17.55
C GLN B 128 10.09 -3.22 16.77
N GLY B 129 8.79 -3.05 17.00
CA GLY B 129 8.04 -2.01 16.31
C GLY B 129 8.55 -0.60 16.60
N LEU B 130 8.87 -0.33 17.86
CA LEU B 130 9.37 0.98 18.22
C LEU B 130 10.69 1.28 17.47
N ALA B 131 11.55 0.26 17.35
CA ALA B 131 12.82 0.43 16.65
C ALA B 131 12.58 0.79 15.19
N VAL B 132 11.58 0.13 14.58
CA VAL B 132 11.21 0.37 13.18
C VAL B 132 10.72 1.79 13.01
N MET B 133 9.85 2.24 13.91
CA MET B 133 9.31 3.58 13.83
C MET B 133 10.41 4.64 13.93
N LYS B 134 11.44 4.35 14.72
CA LYS B 134 12.58 5.27 14.86
C LYS B 134 13.40 5.28 13.58
N ALA B 135 13.58 4.11 12.97
CA ALA B 135 14.33 4.01 11.72
C ALA B 135 13.60 4.86 10.69
N VAL B 136 12.26 4.80 10.71
CA VAL B 136 11.47 5.58 9.78
C VAL B 136 11.68 7.08 10.05
N GLU B 137 11.70 7.47 11.32
CA GLU B 137 11.91 8.88 11.67
C GLU B 137 13.30 9.36 11.26
N LEU B 138 14.32 8.52 11.46
CA LEU B 138 15.67 8.90 11.09
C LEU B 138 15.83 8.92 9.57
N ALA B 139 15.13 8.02 8.90
CA ALA B 139 15.19 7.92 7.44
C ALA B 139 14.56 9.16 6.83
N LYS B 140 13.51 9.66 7.46
CA LYS B 140 12.81 10.83 6.97
C LYS B 140 13.59 12.12 7.18
N GLN B 141 14.60 12.09 8.05
CA GLN B 141 15.44 13.25 8.31
C GLN B 141 16.73 13.08 7.49
N ASN B 142 16.67 12.16 6.54
CA ASN B 142 17.78 11.82 5.66
C ASN B 142 19.07 11.55 6.42
N THR B 143 18.96 10.81 7.52
CA THR B 143 20.12 10.46 8.30
C THR B 143 20.96 9.57 7.38
N PRO B 144 22.29 9.75 7.36
CA PRO B 144 23.14 8.93 6.49
C PRO B 144 22.92 7.43 6.77
N TYR B 145 22.91 6.64 5.69
CA TYR B 145 22.67 5.21 5.76
C TYR B 145 23.32 4.40 6.89
N ASN B 146 24.65 4.29 6.87
CA ASN B 146 25.35 3.49 7.87
C ASN B 146 25.15 4.00 9.28
N LEU B 147 25.18 5.33 9.44
CA LEU B 147 24.97 5.93 10.75
C LEU B 147 23.57 5.58 11.24
N LEU B 148 22.60 5.57 10.33
CA LEU B 148 21.22 5.24 10.70
C LEU B 148 21.13 3.81 11.19
N CYS B 149 21.67 2.87 10.43
CA CYS B 149 21.61 1.46 10.81
C CYS B 149 22.29 1.20 12.16
N GLU B 150 23.48 1.76 12.35
CA GLU B 150 24.23 1.59 13.60
C GLU B 150 23.43 2.13 14.79
N THR B 151 22.84 3.30 14.60
CA THR B 151 22.03 3.91 15.64
C THR B 151 20.84 3.03 16.03
N ILE B 152 20.15 2.47 15.03
CA ILE B 152 19.00 1.61 15.32
C ILE B 152 19.44 0.32 16.00
N GLU B 153 20.62 -0.18 15.65
CA GLU B 153 21.09 -1.40 16.29
C GLU B 153 21.36 -1.11 17.77
N SER B 154 21.94 0.05 18.05
CA SER B 154 22.23 0.43 19.42
C SER B 154 20.90 0.60 20.14
N TYR B 155 19.93 1.17 19.45
CA TYR B 155 18.60 1.38 20.01
C TYR B 155 18.01 0.04 20.44
N CYS B 156 18.08 -0.95 19.55
CA CYS B 156 17.56 -2.28 19.86
C CYS B 156 18.27 -2.92 21.04
N ARG B 157 19.56 -2.65 21.19
CA ARG B 157 20.34 -3.22 22.29
C ARG B 157 19.94 -2.71 23.66
N HIS B 158 19.05 -1.73 23.71
CA HIS B 158 18.64 -1.20 24.99
C HIS B 158 17.14 -1.28 25.27
N MET B 159 16.43 -2.00 24.41
CA MET B 159 15.00 -2.16 24.55
C MET B 159 14.68 -3.25 25.57
N GLU B 160 13.72 -2.95 26.45
CA GLU B 160 13.26 -3.89 27.48
C GLU B 160 11.90 -4.42 27.04
N HIS B 161 11.64 -5.69 27.35
CA HIS B 161 10.37 -6.31 27.01
C HIS B 161 9.87 -7.02 28.26
N ILE B 162 8.89 -6.46 28.95
CA ILE B 162 8.36 -7.12 30.15
C ILE B 162 6.94 -7.55 29.82
N PHE B 163 6.63 -8.83 30.00
CA PHE B 163 5.28 -9.30 29.67
C PHE B 163 4.73 -10.39 30.57
N THR B 164 3.43 -10.67 30.37
CA THR B 164 2.75 -11.71 31.12
C THR B 164 1.78 -12.45 30.19
N VAL B 165 1.57 -13.73 30.50
CA VAL B 165 0.65 -14.58 29.74
C VAL B 165 -0.26 -15.24 30.77
N ASP B 166 -1.34 -15.89 30.33
CA ASP B 166 -2.23 -16.55 31.31
C ASP B 166 -1.61 -17.83 31.83
N ASN B 167 -0.69 -18.38 31.05
CA ASN B 167 0.03 -19.60 31.40
C ASN B 167 1.02 -19.91 30.29
N LEU B 168 2.03 -20.70 30.62
CA LEU B 168 3.08 -21.07 29.68
C LEU B 168 2.71 -22.18 28.72
N ASP B 169 1.50 -22.71 28.83
CA ASP B 169 1.06 -23.80 27.97
C ASP B 169 1.31 -23.48 26.49
N TYR B 170 0.85 -22.31 26.05
CA TYR B 170 1.02 -21.89 24.66
C TYR B 170 2.49 -21.70 24.30
N LEU B 171 3.21 -20.92 25.10
CA LEU B 171 4.63 -20.68 24.84
C LEU B 171 5.45 -21.96 24.85
N ALA B 172 5.26 -22.77 25.88
CA ALA B 172 5.98 -24.02 26.01
C ALA B 172 5.75 -24.93 24.82
N ARG B 173 4.48 -25.07 24.41
CA ARG B 173 4.19 -25.94 23.28
C ARG B 173 4.71 -25.33 21.99
N GLY B 174 4.90 -24.01 21.99
CA GLY B 174 5.44 -23.32 20.82
C GLY B 174 6.94 -23.56 20.73
N GLY B 175 7.53 -23.92 21.87
CA GLY B 175 8.94 -24.22 21.94
C GLY B 175 9.94 -23.08 21.88
N ARG B 176 9.46 -21.84 21.89
CA ARG B 176 10.38 -20.70 21.83
C ARG B 176 10.78 -20.29 23.24
N ILE B 177 10.61 -21.20 24.20
CA ILE B 177 10.96 -20.91 25.58
C ILE B 177 11.70 -22.12 26.17
N SER B 178 12.91 -21.87 26.67
CA SER B 178 13.77 -22.92 27.25
C SER B 178 13.23 -23.60 28.51
N LYS B 179 13.10 -22.81 29.58
CA LYS B 179 12.59 -23.34 30.83
C LYS B 179 11.08 -23.43 30.71
N THR B 180 10.58 -24.65 30.60
CA THR B 180 9.14 -24.87 30.46
C THR B 180 8.48 -25.65 31.60
N ALA B 181 9.29 -26.22 32.48
CA ALA B 181 8.75 -26.99 33.60
C ALA B 181 7.65 -26.18 34.29
N ALA B 182 6.41 -26.61 34.08
CA ALA B 182 5.24 -25.93 34.64
C ALA B 182 5.02 -26.19 36.11
N ALA B 183 5.40 -27.38 36.58
CA ALA B 183 5.21 -27.73 37.98
C ALA B 183 3.71 -27.68 38.29
N PHE B 184 3.35 -27.12 39.43
CA PHE B 184 1.96 -27.04 39.84
C PHE B 184 1.37 -25.65 39.59
N GLY B 185 1.88 -24.97 38.57
CA GLY B 185 1.40 -23.65 38.24
C GLY B 185 -0.09 -23.59 38.03
N GLY B 186 -0.64 -24.62 37.39
CA GLY B 186 -2.06 -24.68 37.12
C GLY B 186 -2.81 -24.84 38.42
N LEU B 187 -2.39 -25.81 39.21
CA LEU B 187 -3.02 -26.07 40.50
C LEU B 187 -2.98 -24.81 41.37
N LEU B 188 -1.79 -24.21 41.51
CA LEU B 188 -1.60 -23.04 42.35
C LEU B 188 -2.03 -21.69 41.79
N ASN B 189 -2.54 -21.67 40.56
CA ASN B 189 -2.99 -20.42 39.94
C ASN B 189 -1.89 -19.38 39.93
N ILE B 190 -0.76 -19.73 39.32
CA ILE B 190 0.37 -18.81 39.24
C ILE B 190 0.41 -18.14 37.88
N LYS B 191 0.53 -16.81 37.87
CA LYS B 191 0.61 -16.04 36.63
C LYS B 191 2.09 -15.70 36.43
N PRO B 192 2.68 -16.17 35.33
CA PRO B 192 4.09 -15.90 35.07
C PRO B 192 4.35 -14.51 34.53
N LEU B 193 5.44 -13.92 34.98
CA LEU B 193 5.84 -12.59 34.51
C LEU B 193 7.20 -12.85 33.89
N LEU B 194 7.32 -12.55 32.60
CA LEU B 194 8.57 -12.78 31.89
C LEU B 194 9.15 -11.49 31.31
N HIS B 195 10.34 -11.63 30.74
CA HIS B 195 11.00 -10.50 30.09
C HIS B 195 11.92 -11.08 29.03
N VAL B 196 12.35 -10.24 28.10
CA VAL B 196 13.25 -10.68 27.07
C VAL B 196 14.65 -10.30 27.47
N GLU B 197 15.58 -11.24 27.28
CA GLU B 197 16.95 -10.99 27.62
C GLU B 197 17.83 -11.48 26.49
N ASP B 198 18.52 -10.54 25.87
CA ASP B 198 19.39 -10.85 24.75
C ASP B 198 18.57 -11.63 23.71
N GLY B 199 17.34 -11.17 23.51
CA GLY B 199 16.47 -11.78 22.51
C GLY B 199 15.76 -13.06 22.87
N ALA B 200 16.04 -13.62 24.03
CA ALA B 200 15.39 -14.87 24.45
C ALA B 200 14.37 -14.64 25.55
N LEU B 201 13.35 -15.50 25.59
CA LEU B 201 12.31 -15.39 26.60
C LEU B 201 12.79 -15.99 27.92
N ILE B 202 12.74 -15.20 28.98
CA ILE B 202 13.20 -15.67 30.29
C ILE B 202 12.14 -15.47 31.37
N PRO B 203 11.73 -16.57 32.04
CA PRO B 203 10.72 -16.38 33.09
C PRO B 203 11.36 -15.49 34.16
N LEU B 204 10.59 -14.55 34.69
CA LEU B 204 11.11 -13.63 35.68
C LEU B 204 10.54 -13.84 37.08
N GLU B 205 9.21 -13.86 37.17
CA GLU B 205 8.55 -14.04 38.45
C GLU B 205 7.24 -14.77 38.28
N LYS B 206 6.64 -15.13 39.41
CA LYS B 206 5.38 -15.85 39.42
C LYS B 206 4.51 -15.28 40.52
N TRP B 207 3.30 -14.86 40.17
CA TRP B 207 2.37 -14.29 41.14
C TRP B 207 0.97 -14.84 40.94
N ARG B 208 0.05 -14.38 41.78
CA ARG B 208 -1.34 -14.79 41.70
C ARG B 208 -2.16 -13.52 41.57
N GLY B 209 -2.95 -13.44 40.51
CA GLY B 209 -3.75 -12.25 40.28
C GLY B 209 -3.07 -11.43 39.21
N ARG B 210 -3.77 -11.20 38.11
CA ARG B 210 -3.22 -10.43 36.99
C ARG B 210 -2.86 -9.02 37.40
N LYS B 211 -3.66 -8.45 38.28
CA LYS B 211 -3.43 -7.08 38.74
C LYS B 211 -2.11 -6.99 39.48
N LYS B 212 -1.80 -8.02 40.26
CA LYS B 212 -0.55 -8.06 41.00
C LYS B 212 0.63 -8.07 40.00
N VAL B 213 0.50 -8.88 38.95
CA VAL B 213 1.54 -8.96 37.95
C VAL B 213 1.69 -7.63 37.20
N LEU B 214 0.57 -7.00 36.86
CA LEU B 214 0.60 -5.71 36.15
C LEU B 214 1.30 -4.67 37.00
N LYS B 215 0.97 -4.65 38.28
CA LYS B 215 1.55 -3.71 39.23
C LYS B 215 3.06 -3.92 39.25
N ARG B 216 3.48 -5.17 39.23
CA ARG B 216 4.90 -5.49 39.25
C ARG B 216 5.59 -5.08 37.94
N MET B 217 4.86 -5.19 36.82
CA MET B 217 5.40 -4.79 35.52
C MET B 217 5.74 -3.30 35.53
N VAL B 218 4.84 -2.49 36.12
CA VAL B 218 5.06 -1.05 36.21
C VAL B 218 6.23 -0.76 37.14
N GLU B 219 6.39 -1.58 38.16
CA GLU B 219 7.48 -1.40 39.11
C GLU B 219 8.83 -1.65 38.46
N LEU B 220 8.89 -2.70 37.65
CA LEU B 220 10.12 -3.06 36.96
C LEU B 220 10.53 -1.98 35.96
N MET B 221 9.54 -1.39 35.30
CA MET B 221 9.80 -0.33 34.34
C MET B 221 10.56 0.79 35.06
N GLY B 222 10.09 1.13 36.25
CA GLY B 222 10.75 2.17 37.01
C GLY B 222 12.17 1.77 37.39
N GLU B 223 12.40 0.49 37.61
CA GLU B 223 13.72 -0.03 37.98
C GLU B 223 14.74 -0.01 36.85
N ARG B 224 14.30 -0.33 35.63
CA ARG B 224 15.21 -0.40 34.50
C ARG B 224 15.13 0.76 33.51
N GLY B 225 14.02 1.49 33.53
CA GLY B 225 13.84 2.59 32.61
C GLY B 225 14.77 3.78 32.79
N ASP B 226 15.09 4.45 31.68
CA ASP B 226 15.96 5.62 31.68
C ASP B 226 15.21 6.77 30.99
N ASP B 227 14.96 7.87 31.71
CA ASP B 227 14.24 9.01 31.15
C ASP B 227 12.88 8.58 30.63
N LEU B 228 12.17 7.78 31.42
CA LEU B 228 10.87 7.28 31.01
C LEU B 228 9.91 8.28 30.41
N GLN B 229 9.92 9.51 30.92
CA GLN B 229 9.00 10.52 30.42
C GLN B 229 9.33 11.03 29.02
N LYS B 230 10.60 11.00 28.66
CA LYS B 230 11.01 11.46 27.33
C LYS B 230 10.84 10.37 26.29
N GLN B 231 10.31 9.23 26.72
CA GLN B 231 10.11 8.09 25.83
C GLN B 231 8.66 7.87 25.48
N THR B 232 8.44 7.12 24.40
CA THR B 232 7.11 6.74 23.97
C THR B 232 7.06 5.27 24.40
N ILE B 233 6.20 5.00 25.36
CA ILE B 233 6.05 3.66 25.90
C ILE B 233 5.15 2.80 25.03
N GLY B 234 5.63 1.59 24.72
CA GLY B 234 4.86 0.69 23.92
C GLY B 234 4.12 -0.31 24.77
N ILE B 235 2.90 -0.63 24.36
CA ILE B 235 2.07 -1.61 25.06
C ILE B 235 1.30 -2.44 24.05
N SER B 236 1.52 -3.75 24.04
CA SER B 236 0.79 -4.62 23.13
C SER B 236 -0.01 -5.64 23.93
N HIS B 237 -1.05 -6.20 23.33
CA HIS B 237 -1.89 -7.15 24.02
C HIS B 237 -2.52 -8.11 23.03
N ALA B 238 -2.67 -9.35 23.44
CA ALA B 238 -3.26 -10.38 22.61
C ALA B 238 -4.76 -10.41 22.81
N ASP B 239 -5.43 -9.44 22.20
CA ASP B 239 -6.89 -9.34 22.29
C ASP B 239 -7.37 -9.07 23.72
N ASP B 240 -6.90 -7.98 24.31
CA ASP B 240 -7.31 -7.60 25.66
C ASP B 240 -7.06 -6.11 25.85
N GLU B 241 -7.61 -5.31 24.95
CA GLU B 241 -7.44 -3.87 24.99
C GLU B 241 -7.81 -3.28 26.34
N GLU B 242 -8.69 -3.96 27.05
CA GLU B 242 -9.16 -3.47 28.36
C GLU B 242 -8.02 -3.41 29.37
N THR B 243 -7.30 -4.52 29.53
CA THR B 243 -6.18 -4.57 30.47
C THR B 243 -5.05 -3.65 30.01
N ALA B 244 -4.78 -3.67 28.71
CA ALA B 244 -3.74 -2.83 28.15
C ALA B 244 -3.91 -1.37 28.59
N LEU B 245 -5.13 -0.86 28.44
CA LEU B 245 -5.45 0.51 28.82
C LEU B 245 -5.34 0.69 30.32
N GLU B 246 -5.65 -0.37 31.06
CA GLU B 246 -5.56 -0.34 32.51
C GLU B 246 -4.09 -0.18 32.88
N LEU B 247 -3.21 -0.90 32.17
CA LEU B 247 -1.78 -0.84 32.41
C LEU B 247 -1.26 0.55 32.05
N LYS B 248 -1.72 1.07 30.92
CA LYS B 248 -1.31 2.40 30.47
C LYS B 248 -1.60 3.41 31.55
N GLN B 249 -2.76 3.26 32.18
CA GLN B 249 -3.18 4.14 33.26
C GLN B 249 -2.19 4.10 34.40
N MET B 250 -1.94 2.89 34.89
CA MET B 250 -1.02 2.67 35.98
C MET B 250 0.32 3.33 35.70
N ILE B 251 0.76 3.26 34.45
CA ILE B 251 2.03 3.86 34.02
C ILE B 251 1.98 5.38 34.09
N GLU B 252 0.90 5.96 33.56
CA GLU B 252 0.71 7.40 33.56
C GLU B 252 0.73 7.95 34.98
N GLU B 253 0.01 7.27 35.87
CA GLU B 253 -0.10 7.68 37.25
C GLU B 253 1.16 7.40 38.10
N THR B 254 1.96 6.41 37.71
CA THR B 254 3.16 6.07 38.48
C THR B 254 4.45 6.73 38.01
N HIS B 255 4.63 6.86 36.70
CA HIS B 255 5.86 7.45 36.17
C HIS B 255 5.67 8.80 35.46
N GLY B 256 4.42 9.14 35.14
CA GLY B 256 4.15 10.41 34.50
C GLY B 256 4.26 10.42 32.98
N CYS B 257 4.42 9.25 32.39
CA CYS B 257 4.54 9.14 30.94
C CYS B 257 3.24 9.56 30.27
N THR B 258 3.37 10.38 29.23
CA THR B 258 2.22 10.89 28.50
C THR B 258 2.18 10.30 27.10
N ARG B 259 3.30 9.73 26.66
CA ARG B 259 3.37 9.18 25.32
C ARG B 259 3.34 7.66 25.31
N PHE B 260 2.42 7.12 24.53
CA PHE B 260 2.24 5.68 24.41
C PHE B 260 1.96 5.24 22.98
N PHE B 261 2.09 3.95 22.75
CA PHE B 261 1.79 3.35 21.47
C PHE B 261 1.29 1.96 21.79
N LEU B 262 -0.02 1.77 21.68
CA LEU B 262 -0.64 0.48 21.96
C LEU B 262 -0.90 -0.26 20.68
N SER B 263 -0.78 -1.58 20.72
CA SER B 263 -1.01 -2.34 19.52
C SER B 263 -1.45 -3.75 19.88
N ASP B 264 -2.08 -4.43 18.93
CA ASP B 264 -2.52 -5.78 19.16
C ASP B 264 -1.36 -6.71 18.78
N ILE B 265 -1.13 -7.72 19.59
CA ILE B 265 -0.08 -8.67 19.30
C ILE B 265 -0.49 -9.41 18.03
N GLY B 266 0.43 -9.52 17.08
CA GLY B 266 0.12 -10.18 15.82
C GLY B 266 -0.28 -11.64 15.92
N SER B 267 -0.64 -12.22 14.78
CA SER B 267 -1.05 -13.63 14.70
C SER B 267 0.09 -14.59 14.98
N ALA B 268 1.23 -14.37 14.34
CA ALA B 268 2.39 -15.22 14.52
C ALA B 268 2.81 -15.27 15.99
N ILE B 269 2.93 -14.11 16.62
CA ILE B 269 3.32 -14.05 18.02
C ILE B 269 2.18 -14.51 18.92
N GLY B 270 0.95 -14.14 18.57
CA GLY B 270 -0.20 -14.54 19.37
C GLY B 270 -0.34 -16.04 19.49
N ALA B 271 0.01 -16.76 18.43
CA ALA B 271 -0.07 -18.22 18.43
C ALA B 271 0.74 -18.82 19.58
N HIS B 272 1.93 -18.25 19.83
CA HIS B 272 2.81 -18.72 20.90
C HIS B 272 2.47 -18.14 22.28
N ALA B 273 2.30 -16.82 22.35
CA ALA B 273 1.98 -16.17 23.63
C ALA B 273 0.58 -16.55 24.09
N GLY B 274 -0.34 -16.64 23.13
CA GLY B 274 -1.70 -17.00 23.45
C GLY B 274 -2.54 -15.83 23.89
N PRO B 275 -3.87 -15.95 23.79
CA PRO B 275 -4.76 -14.85 24.20
C PRO B 275 -4.53 -14.37 25.65
N GLY B 276 -4.72 -13.08 25.89
CA GLY B 276 -4.55 -12.55 27.24
C GLY B 276 -3.19 -11.96 27.54
N THR B 277 -2.22 -12.22 26.68
CA THR B 277 -0.87 -11.70 26.87
C THR B 277 -0.86 -10.15 26.93
N ILE B 278 -0.09 -9.59 27.85
CA ILE B 278 0.04 -8.14 27.98
C ILE B 278 1.54 -7.84 28.01
N ALA B 279 2.00 -6.93 27.14
CA ALA B 279 3.42 -6.59 27.09
C ALA B 279 3.76 -5.11 27.14
N LEU B 280 4.85 -4.82 27.83
CA LEU B 280 5.36 -3.45 28.04
C LEU B 280 6.76 -3.29 27.44
N PHE B 281 6.99 -2.18 26.74
CA PHE B 281 8.27 -1.91 26.09
C PHE B 281 8.83 -0.52 26.37
N PHE B 282 10.10 -0.46 26.72
CA PHE B 282 10.76 0.81 27.01
C PHE B 282 12.27 0.60 26.95
N LEU B 283 13.03 1.70 26.92
CA LEU B 283 14.49 1.66 26.86
C LEU B 283 15.14 1.71 28.25
N ASN B 284 16.23 0.97 28.44
CA ASN B 284 16.92 1.00 29.73
C ASN B 284 18.04 2.01 29.67
N LYS B 285 18.13 2.69 28.53
CA LYS B 285 19.12 3.74 28.29
C LYS B 285 18.51 4.69 27.27
N TYR B 286 18.40 5.96 27.64
CA TYR B 286 17.78 6.92 26.74
C TYR B 286 18.62 7.44 25.59
N ILE B 287 18.58 6.72 24.47
CA ILE B 287 19.30 7.16 23.29
C ILE B 287 18.37 8.21 22.71
N GLU B 288 18.83 9.44 22.71
CA GLU B 288 18.06 10.60 22.29
C GLU B 288 17.68 10.77 20.83
N ILE B 289 16.86 9.87 20.31
CA ILE B 289 16.39 9.98 18.93
C ILE B 289 14.88 9.86 18.94
#